data_7E1G
#
_entry.id   7E1G
#
_cell.length_a   50.290
_cell.length_b   56.270
_cell.length_c   120.531
_cell.angle_alpha   90.00
_cell.angle_beta   90.56
_cell.angle_gamma   90.00
#
_symmetry.space_group_name_H-M   'P 1 21 1'
#
loop_
_entity.id
_entity.type
_entity.pdbx_description
1 polymer 'Cell shape-determining protein MreB'
2 non-polymer 'MAGNESIUM ION'
3 non-polymer 'PHOSPHOAMINOPHOSPHONIC ACID-ADENYLATE ESTER'
4 water water
#
_entity_poly.entity_id   1
_entity_poly.type   'polypeptide(L)'
_entity_poly.pdbx_seq_one_letter_code
;GSHMTITDVLKNTFNISPKPPR(MLY)FIAIDLGTTNSIAYIGGRGIIYNEASVMAYETGT(MLY)KLVALGEDAR
(MLY)LIG(MLY)THDKIEIYTPLRNGAITDLRIAEEFIQHIGNRAKVQDVWKGSIVLIACP(MLY)SVTELERRAMVEM
C(MLY)HLGADLVQVEEDTLMAALGAGANIFAP(MLY)GTFILDIGGG(MLY)TSAGIISAGGIVVS(MLY)SIKIAGNY
IDEEIL(MLY)YIRAKHTISIGVVTAEQI(MLY)(MLY)QIGSLY(MLY)G(MLY)ET(MLY)(MLY)MVIFGRDVVTGM
P(MLY)ETEILDSEIRKLLISIFSSITQLVTDILESTPAELAGDAVMNGLLVSGGCAQISGL(MLY)EFLESYFQIPV
(MLY)IA(MLY)NPQTAVIDGCIAYE(MLY)EIRDRLIEENKKNK
;
_entity_poly.pdbx_strand_id   A,B
#
# COMPACT_ATOMS: atom_id res chain seq x y z
N PRO A 20 18.56 -52.01 21.17
CA PRO A 20 18.65 -51.65 19.74
C PRO A 20 17.55 -50.67 19.36
N PRO A 21 17.70 -49.40 19.77
CA PRO A 21 16.61 -48.43 19.60
C PRO A 21 16.08 -48.39 18.18
N ARG A 22 14.76 -48.38 18.07
CA ARG A 22 14.09 -48.29 16.78
C ARG A 22 14.41 -46.95 16.13
N PHE A 24 13.72 -43.65 14.16
CA PHE A 24 12.62 -42.75 13.93
C PHE A 24 12.81 -42.08 12.57
N ILE A 25 11.80 -42.20 11.72
CA ILE A 25 11.77 -41.61 10.38
C ILE A 25 10.59 -40.67 10.33
N ALA A 26 10.82 -39.42 9.91
CA ALA A 26 9.75 -38.45 9.77
C ALA A 26 9.74 -37.90 8.36
N ILE A 27 8.54 -37.72 7.80
CA ILE A 27 8.40 -37.21 6.44
C ILE A 27 7.38 -36.08 6.43
N ASP A 28 7.80 -34.90 5.99
CA ASP A 28 6.90 -33.80 5.67
C ASP A 28 6.56 -33.93 4.20
N LEU A 29 5.39 -34.47 3.89
CA LEU A 29 4.96 -34.66 2.50
C LEU A 29 4.21 -33.41 2.05
N GLY A 30 4.84 -32.59 1.21
CA GLY A 30 4.22 -31.34 0.83
C GLY A 30 3.95 -31.22 -0.66
N THR A 31 3.05 -30.30 -1.05
CA THR A 31 2.72 -30.14 -2.45
C THR A 31 3.93 -29.70 -3.27
N THR A 32 4.72 -28.78 -2.72
CA THR A 32 5.84 -28.17 -3.40
C THR A 32 7.17 -28.83 -3.06
N ASN A 33 7.41 -29.07 -1.77
CA ASN A 33 8.65 -29.62 -1.26
C ASN A 33 8.32 -30.70 -0.25
N SER A 34 9.21 -31.68 -0.13
CA SER A 34 9.10 -32.66 0.95
C SER A 34 10.42 -32.77 1.70
N ILE A 35 10.33 -33.08 2.98
CA ILE A 35 11.49 -33.20 3.85
C ILE A 35 11.40 -34.53 4.57
N ALA A 36 12.54 -35.22 4.66
CA ALA A 36 12.62 -36.46 5.43
C ALA A 36 13.78 -36.39 6.41
N TYR A 37 13.55 -36.95 7.59
CA TYR A 37 14.47 -36.94 8.72
C TYR A 37 14.59 -38.37 9.23
N ILE A 38 15.80 -38.77 9.59
CA ILE A 38 16.02 -40.04 10.27
C ILE A 38 16.87 -39.77 11.51
N GLY A 39 16.39 -40.22 12.66
CA GLY A 39 17.13 -40.08 13.90
C GLY A 39 18.53 -40.65 13.75
N GLY A 40 19.55 -39.93 14.22
CA GLY A 40 20.93 -40.31 14.00
C GLY A 40 21.52 -39.86 12.68
N ARG A 41 20.68 -39.46 11.73
CA ARG A 41 21.14 -38.94 10.45
C ARG A 41 20.75 -37.49 10.20
N GLY A 42 19.72 -36.99 10.85
CA GLY A 42 19.25 -35.65 10.58
C GLY A 42 18.38 -35.64 9.33
N ILE A 43 18.32 -34.47 8.71
CA ILE A 43 17.57 -34.32 7.46
C ILE A 43 18.35 -35.00 6.34
N ILE A 44 17.71 -35.96 5.67
CA ILE A 44 18.33 -36.67 4.55
C ILE A 44 17.78 -36.22 3.21
N TYR A 45 16.74 -35.38 3.19
CA TYR A 45 16.12 -34.95 1.95
C TYR A 45 15.35 -33.68 2.27
N ASN A 46 15.60 -32.60 1.51
CA ASN A 46 14.80 -31.38 1.64
C ASN A 46 14.79 -30.72 0.27
N GLU A 47 13.87 -31.16 -0.59
CA GLU A 47 13.87 -30.78 -2.00
C GLU A 47 12.45 -30.85 -2.55
N ALA A 48 12.33 -30.46 -3.81
CA ALA A 48 11.04 -30.40 -4.49
C ALA A 48 10.34 -31.74 -4.46
N SER A 49 9.00 -31.70 -4.42
CA SER A 49 8.16 -32.90 -4.51
C SER A 49 7.90 -33.22 -5.97
N VAL A 50 8.96 -33.63 -6.66
CA VAL A 50 8.94 -33.78 -8.12
C VAL A 50 9.82 -34.95 -8.47
N MET A 51 9.38 -35.74 -9.45
CA MET A 51 10.16 -36.82 -10.03
C MET A 51 10.12 -36.69 -11.54
N ALA A 52 11.20 -37.13 -12.20
CA ALA A 52 11.25 -37.19 -13.66
C ALA A 52 11.59 -38.62 -14.06
N TYR A 53 10.83 -39.17 -15.02
CA TYR A 53 11.07 -40.51 -15.52
C TYR A 53 11.36 -40.46 -17.02
N GLU A 54 12.10 -41.46 -17.49
CA GLU A 54 12.14 -41.70 -18.93
C GLU A 54 10.73 -42.00 -19.41
N THR A 55 10.27 -41.27 -20.42
CA THR A 55 8.87 -41.33 -20.82
C THR A 55 8.45 -42.76 -21.13
N GLY A 56 7.33 -43.17 -20.55
CA GLY A 56 6.77 -44.49 -20.77
C GLY A 56 7.47 -45.62 -20.04
N THR A 57 8.41 -45.33 -19.14
CA THR A 57 9.13 -46.37 -18.41
C THR A 57 9.13 -46.11 -16.92
N LYS A 59 11.97 -46.00 -15.34
CA LYS A 59 13.32 -45.52 -15.05
C LYS A 59 13.30 -44.09 -14.52
N LEU A 60 13.59 -43.93 -13.23
CA LEU A 60 13.71 -42.59 -12.66
C LEU A 60 14.98 -41.92 -13.15
N VAL A 61 14.85 -40.71 -13.70
CA VAL A 61 16.03 -39.99 -14.16
C VAL A 61 16.33 -38.77 -13.30
N ALA A 62 15.37 -38.27 -12.52
CA ALA A 62 15.65 -37.15 -11.62
C ALA A 62 14.68 -37.18 -10.44
N LEU A 63 15.15 -36.67 -9.30
CA LEU A 63 14.35 -36.60 -8.08
C LEU A 63 14.64 -35.28 -7.38
N GLY A 64 13.60 -34.58 -6.94
CA GLY A 64 13.81 -33.38 -6.14
C GLY A 64 14.23 -32.20 -6.99
N GLU A 65 15.28 -31.51 -6.55
CA GLU A 65 15.69 -30.26 -7.20
C GLU A 65 16.02 -30.47 -8.68
N ASP A 66 16.70 -31.57 -9.02
CA ASP A 66 16.99 -31.82 -10.44
C ASP A 66 15.71 -32.01 -11.24
N ALA A 67 14.68 -32.57 -10.63
CA ALA A 67 13.41 -32.77 -11.32
C ALA A 67 12.61 -31.48 -11.42
N ARG A 68 12.62 -30.66 -10.37
CA ARG A 68 11.96 -29.35 -10.43
C ARG A 68 12.51 -28.49 -11.58
N LEU A 70 13.60 -29.46 -14.32
CA LEU A 70 13.13 -30.01 -15.59
C LEU A 70 11.72 -29.58 -15.96
N ILE A 71 10.97 -29.03 -14.99
CA ILE A 71 9.59 -28.67 -15.26
C ILE A 71 9.54 -27.61 -16.35
N GLY A 72 8.84 -27.92 -17.44
CA GLY A 72 8.74 -27.00 -18.57
C GLY A 72 9.98 -27.02 -19.45
N THR A 74 11.61 -30.13 -20.46
CA THR A 74 11.84 -31.49 -20.91
C THR A 74 11.74 -31.60 -22.42
N HIS A 75 12.36 -32.63 -22.98
CA HIS A 75 12.02 -33.07 -24.31
C HIS A 75 11.07 -34.26 -24.21
N ASP A 76 10.71 -34.84 -25.37
CA ASP A 76 9.67 -35.86 -25.43
C ASP A 76 9.98 -37.09 -24.58
N LYS A 77 11.25 -37.40 -24.32
CA LYS A 77 11.60 -38.65 -23.66
C LYS A 77 11.83 -38.51 -22.16
N ILE A 78 11.52 -37.36 -21.57
CA ILE A 78 11.46 -37.18 -20.11
C ILE A 78 10.06 -36.67 -19.76
N GLU A 79 9.49 -37.20 -18.67
CA GLU A 79 8.19 -36.70 -18.23
C GLU A 79 8.23 -36.50 -16.72
N ILE A 80 7.37 -35.61 -16.24
CA ILE A 80 7.40 -35.14 -14.86
C ILE A 80 6.20 -35.69 -14.13
N TYR A 81 6.41 -36.17 -12.89
CA TYR A 81 5.31 -36.54 -12.01
C TYR A 81 5.45 -35.81 -10.69
N THR A 82 4.31 -35.33 -10.15
CA THR A 82 4.29 -34.70 -8.84
C THR A 82 3.28 -35.44 -7.99
N PRO A 83 3.68 -36.00 -6.84
CA PRO A 83 2.75 -36.80 -6.03
C PRO A 83 1.56 -36.03 -5.50
N LEU A 84 1.66 -34.72 -5.34
CA LEU A 84 0.58 -33.92 -4.77
C LEU A 84 0.27 -32.75 -5.69
N ARG A 85 -1.01 -32.41 -5.77
CA ARG A 85 -1.45 -31.20 -6.46
C ARG A 85 -2.52 -30.56 -5.60
N ASN A 86 -2.29 -29.31 -5.18
CA ASN A 86 -3.20 -28.59 -4.28
C ASN A 86 -3.50 -29.41 -3.02
N GLY A 87 -2.46 -29.93 -2.40
CA GLY A 87 -2.60 -30.66 -1.18
C GLY A 87 -3.29 -32.00 -1.30
N ALA A 88 -3.58 -32.45 -2.52
CA ALA A 88 -4.27 -33.71 -2.73
C ALA A 88 -3.39 -34.66 -3.54
N ILE A 89 -3.45 -35.95 -3.21
CA ILE A 89 -2.61 -36.93 -3.89
C ILE A 89 -3.10 -37.11 -5.32
N THR A 90 -2.17 -37.01 -6.27
CA THR A 90 -2.52 -37.17 -7.68
C THR A 90 -2.67 -38.63 -8.06
N ASP A 91 -1.75 -39.46 -7.59
CA ASP A 91 -1.69 -40.87 -7.97
C ASP A 91 -1.03 -41.58 -6.81
N LEU A 92 -1.78 -42.48 -6.15
CA LEU A 92 -1.27 -43.10 -4.94
C LEU A 92 0.03 -43.85 -5.17
N ARG A 93 0.14 -44.56 -6.30
CA ARG A 93 1.38 -45.29 -6.57
C ARG A 93 2.55 -44.34 -6.76
N ILE A 94 2.31 -43.19 -7.38
CA ILE A 94 3.35 -42.18 -7.54
C ILE A 94 3.78 -41.67 -6.18
N ALA A 95 2.81 -41.41 -5.29
CA ALA A 95 3.14 -40.94 -3.95
C ALA A 95 3.94 -41.99 -3.19
N GLU A 96 3.53 -43.26 -3.32
CA GLU A 96 4.24 -44.34 -2.64
C GLU A 96 5.67 -44.47 -3.13
N GLU A 97 5.88 -44.42 -4.44
CA GLU A 97 7.23 -44.52 -4.97
C GLU A 97 8.09 -43.33 -4.54
N PHE A 98 7.49 -42.14 -4.50
CA PHE A 98 8.23 -40.95 -4.08
C PHE A 98 8.76 -41.12 -2.67
N ILE A 99 7.93 -41.62 -1.75
CA ILE A 99 8.36 -41.85 -0.38
C ILE A 99 9.50 -42.84 -0.34
N GLN A 100 9.41 -43.91 -1.13
CA GLN A 100 10.48 -44.91 -1.16
C GLN A 100 11.78 -44.33 -1.72
N HIS A 101 11.69 -43.46 -2.73
CA HIS A 101 12.90 -42.84 -3.28
C HIS A 101 13.53 -41.89 -2.27
N ILE A 102 12.70 -41.12 -1.56
CA ILE A 102 13.20 -40.28 -0.47
C ILE A 102 14.01 -41.12 0.52
N GLY A 103 13.44 -42.25 0.95
CA GLY A 103 14.13 -43.10 1.91
C GLY A 103 15.42 -43.69 1.39
N ASN A 104 15.51 -43.91 0.07
CA ASN A 104 16.76 -44.36 -0.52
C ASN A 104 17.86 -43.32 -0.41
N ARG A 105 17.50 -42.04 -0.31
CA ARG A 105 18.52 -41.00 -0.14
C ARG A 105 19.28 -41.12 1.17
N ALA A 106 18.78 -41.94 2.11
CA ALA A 106 19.44 -42.08 3.41
C ALA A 106 20.73 -42.86 3.32
N LYS A 107 20.90 -43.69 2.28
CA LYS A 107 22.08 -44.53 2.12
C LYS A 107 22.20 -45.55 3.25
N VAL A 108 21.07 -45.94 3.85
CA VAL A 108 21.04 -46.89 4.94
C VAL A 108 20.32 -48.14 4.48
N GLN A 109 20.98 -49.29 4.57
CA GLN A 109 20.36 -50.56 4.19
C GLN A 109 19.24 -50.91 5.16
N ASP A 110 18.13 -51.40 4.61
CA ASP A 110 16.97 -51.81 5.41
C ASP A 110 16.48 -50.67 6.31
N VAL A 111 16.49 -49.45 5.78
CA VAL A 111 16.26 -48.29 6.63
C VAL A 111 14.87 -48.33 7.26
N TRP A 112 13.91 -48.97 6.60
CA TRP A 112 12.55 -49.02 7.12
C TRP A 112 12.37 -50.10 8.18
N LYS A 113 13.30 -51.04 8.28
CA LYS A 113 13.09 -52.25 9.07
C LYS A 113 13.05 -51.92 10.55
N GLY A 114 11.93 -52.26 11.19
CA GLY A 114 11.76 -52.00 12.61
C GLY A 114 11.58 -50.54 12.96
N SER A 115 11.33 -49.69 11.98
CA SER A 115 11.33 -48.25 12.21
C SER A 115 9.99 -47.77 12.72
N ILE A 116 10.03 -46.60 13.37
CA ILE A 116 8.84 -45.86 13.76
C ILE A 116 8.73 -44.68 12.80
N VAL A 117 7.61 -44.58 12.09
CA VAL A 117 7.47 -43.63 10.99
C VAL A 117 6.38 -42.62 11.33
N LEU A 118 6.68 -41.33 11.18
CA LEU A 118 5.71 -40.26 11.29
C LEU A 118 5.65 -39.57 9.94
N ILE A 119 4.45 -39.50 9.35
CA ILE A 119 4.23 -38.79 8.10
C ILE A 119 3.29 -37.63 8.37
N ALA A 120 3.69 -36.42 7.98
CA ALA A 120 2.85 -35.24 8.07
C ALA A 120 2.37 -34.89 6.67
N CYS A 121 1.06 -34.67 6.52
CA CYS A 121 0.58 -34.44 5.17
C CYS A 121 -0.63 -33.50 5.23
N PRO A 122 -1.00 -32.89 4.10
CA PRO A 122 -2.14 -31.98 4.08
C PRO A 122 -3.42 -32.71 4.48
N SER A 124 -6.11 -32.69 3.01
CA SER A 124 -6.73 -33.21 1.80
C SER A 124 -6.28 -34.61 1.39
N VAL A 125 -5.29 -35.16 2.09
CA VAL A 125 -4.93 -36.56 1.90
C VAL A 125 -5.96 -37.41 2.65
N THR A 126 -6.67 -38.26 1.91
CA THR A 126 -7.82 -38.97 2.49
C THR A 126 -7.36 -40.07 3.46
N GLU A 127 -8.31 -40.51 4.30
CA GLU A 127 -7.99 -41.59 5.24
C GLU A 127 -7.59 -42.85 4.49
N LEU A 128 -8.22 -43.09 3.34
CA LEU A 128 -7.85 -44.21 2.48
C LEU A 128 -6.38 -44.12 2.07
N GLU A 129 -5.95 -42.94 1.63
CA GLU A 129 -4.56 -42.75 1.23
C GLU A 129 -3.61 -42.85 2.42
N ARG A 130 -4.02 -42.32 3.58
CA ARG A 130 -3.22 -42.46 4.78
C ARG A 130 -3.00 -43.93 5.14
N ARG A 131 -4.07 -44.72 5.16
CA ARG A 131 -3.93 -46.13 5.49
C ARG A 131 -3.02 -46.84 4.48
N ALA A 132 -3.10 -46.46 3.20
CA ALA A 132 -2.23 -47.07 2.20
C ALA A 132 -0.77 -46.74 2.48
N MET A 133 -0.48 -45.49 2.85
CA MET A 133 0.90 -45.14 3.20
C MET A 133 1.35 -45.90 4.44
N VAL A 134 0.48 -46.00 5.44
CA VAL A 134 0.79 -46.79 6.63
C VAL A 134 1.15 -48.23 6.23
N GLU A 135 0.29 -48.86 5.41
CA GLU A 135 0.51 -50.26 5.06
C GLU A 135 1.76 -50.45 4.22
N MET A 136 2.08 -49.48 3.36
CA MET A 136 3.29 -49.58 2.56
C MET A 136 4.53 -49.59 3.45
N CYS A 137 4.64 -48.62 4.36
CA CYS A 137 5.80 -48.54 5.22
C CYS A 137 5.89 -49.77 6.13
N HIS A 139 4.84 -52.70 5.21
CA HIS A 139 5.31 -53.72 4.28
CA HIS A 139 5.31 -53.72 4.28
C HIS A 139 6.82 -53.63 4.10
N LEU A 140 7.35 -52.40 4.16
CA LEU A 140 8.78 -52.16 4.06
C LEU A 140 9.55 -52.55 5.31
N GLY A 141 8.87 -52.81 6.42
CA GLY A 141 9.55 -53.23 7.63
C GLY A 141 9.21 -52.42 8.87
N ALA A 142 8.46 -51.33 8.71
CA ALA A 142 8.18 -50.45 9.83
C ALA A 142 7.32 -51.15 10.87
N ASP A 143 7.67 -50.96 12.14
CA ASP A 143 6.90 -51.47 13.27
C ASP A 143 5.70 -50.59 13.59
N LEU A 144 5.80 -49.28 13.33
CA LEU A 144 4.71 -48.36 13.60
C LEU A 144 4.76 -47.22 12.60
N VAL A 145 3.59 -46.83 12.09
CA VAL A 145 3.43 -45.69 11.19
C VAL A 145 2.26 -44.85 11.68
N GLN A 146 2.48 -43.55 11.84
CA GLN A 146 1.44 -42.62 12.25
C GLN A 146 1.41 -41.47 11.27
N VAL A 147 0.20 -40.95 11.02
CA VAL A 147 0.00 -39.84 10.10
C VAL A 147 -0.60 -38.67 10.87
N GLU A 148 0.02 -37.49 10.72
CA GLU A 148 -0.44 -36.28 11.39
C GLU A 148 -0.71 -35.19 10.37
N GLU A 149 -1.60 -34.26 10.73
CA GLU A 149 -1.90 -33.13 9.89
C GLU A 149 -0.74 -32.14 9.89
N ASP A 150 -0.37 -31.66 8.70
CA ASP A 150 0.75 -30.73 8.61
C ASP A 150 0.54 -29.49 9.48
N THR A 151 -0.70 -29.00 9.57
CA THR A 151 -0.96 -27.77 10.31
C THR A 151 -0.58 -27.94 11.78
N LEU A 152 -0.88 -29.11 12.35
CA LEU A 152 -0.54 -29.37 13.74
C LEU A 152 0.96 -29.41 13.96
N MET A 153 1.68 -30.08 13.06
CA MET A 153 3.14 -30.15 13.17
C MET A 153 3.78 -28.79 12.92
N ALA A 154 3.25 -28.01 11.97
CA ALA A 154 3.81 -26.70 11.69
C ALA A 154 3.82 -25.81 12.94
N ALA A 155 2.70 -25.79 13.68
CA ALA A 155 2.64 -24.92 14.85
C ALA A 155 3.65 -25.34 15.90
N LEU A 156 3.80 -26.64 16.12
CA LEU A 156 4.81 -27.14 17.06
C LEU A 156 6.21 -26.79 16.59
N GLY A 157 6.50 -27.04 15.31
CA GLY A 157 7.83 -26.76 14.82
C GLY A 157 8.17 -25.29 14.80
N ALA A 158 7.17 -24.43 14.60
CA ALA A 158 7.39 -23.00 14.58
C ALA A 158 7.49 -22.41 15.98
N GLY A 159 7.35 -23.23 17.01
CA GLY A 159 7.68 -22.84 18.37
C GLY A 159 6.52 -22.75 19.33
N ALA A 160 5.32 -23.08 18.92
CA ALA A 160 4.17 -22.99 19.82
C ALA A 160 4.01 -24.27 20.62
N ASN A 161 3.68 -24.13 21.90
CA ASN A 161 3.38 -25.30 22.72
C ASN A 161 1.97 -25.76 22.38
N ILE A 162 1.89 -26.65 21.39
CA ILE A 162 0.58 -27.14 20.94
C ILE A 162 -0.12 -27.94 22.02
N PHE A 163 0.62 -28.40 23.03
CA PHE A 163 0.05 -29.26 24.07
C PHE A 163 -0.62 -28.48 25.18
N ALA A 164 -0.29 -27.20 25.32
CA ALA A 164 -0.85 -26.40 26.40
C ALA A 164 -2.35 -26.17 26.19
N PRO A 165 -3.11 -26.05 27.28
CA PRO A 165 -4.51 -25.63 27.15
C PRO A 165 -4.57 -24.12 26.91
N GLY A 167 -4.95 -21.30 23.24
CA GLY A 167 -5.19 -21.22 21.81
C GLY A 167 -3.96 -20.74 21.05
N THR A 168 -3.43 -21.60 20.18
CA THR A 168 -2.39 -21.22 19.23
C THR A 168 -3.07 -20.93 17.90
N PHE A 169 -2.76 -19.77 17.32
CA PHE A 169 -3.37 -19.25 16.10
C PHE A 169 -2.30 -19.34 15.01
N ILE A 170 -2.52 -20.24 14.04
CA ILE A 170 -1.50 -20.57 13.03
C ILE A 170 -2.02 -20.28 11.62
N LEU A 171 -1.14 -19.74 10.79
CA LEU A 171 -1.40 -19.51 9.38
C LEU A 171 -0.21 -20.07 8.63
N ASP A 172 -0.47 -20.97 7.69
CA ASP A 172 0.57 -21.71 6.96
C ASP A 172 0.33 -21.47 5.48
N ILE A 173 1.19 -20.67 4.85
CA ILE A 173 1.01 -20.30 3.44
C ILE A 173 2.04 -21.08 2.63
N GLY A 174 1.61 -22.15 1.98
CA GLY A 174 2.47 -23.07 1.23
C GLY A 174 2.43 -22.76 -0.25
N GLY A 175 2.73 -23.79 -1.05
CA GLY A 175 2.63 -23.68 -2.51
C GLY A 175 1.24 -24.04 -3.03
N GLY A 176 0.67 -25.14 -2.53
CA GLY A 176 -0.61 -25.59 -3.01
C GLY A 176 -1.83 -25.12 -2.21
N THR A 178 -3.14 -22.67 1.42
CA THR A 178 -2.98 -21.85 2.62
C THR A 178 -3.96 -22.36 3.67
N SER A 179 -3.44 -22.69 4.86
CA SER A 179 -4.26 -23.23 5.94
C SER A 179 -4.17 -22.32 7.15
N ALA A 180 -5.28 -22.20 7.87
CA ALA A 180 -5.30 -21.43 9.10
C ALA A 180 -6.09 -22.21 10.13
N GLY A 181 -5.70 -22.08 11.39
CA GLY A 181 -6.42 -22.88 12.37
C GLY A 181 -6.10 -22.44 13.78
N ILE A 182 -6.86 -23.01 14.71
CA ILE A 182 -6.62 -22.82 16.14
C ILE A 182 -6.25 -24.18 16.71
N ILE A 183 -5.16 -24.23 17.47
CA ILE A 183 -4.65 -25.46 18.06
C ILE A 183 -4.68 -25.31 19.58
N SER A 184 -5.05 -26.38 20.28
CA SER A 184 -4.98 -26.36 21.74
C SER A 184 -4.98 -27.79 22.26
N ALA A 185 -4.26 -28.01 23.37
CA ALA A 185 -4.35 -29.27 24.11
C ALA A 185 -4.00 -30.48 23.24
N GLY A 186 -3.05 -30.27 22.33
CA GLY A 186 -2.54 -31.35 21.49
C GLY A 186 -3.28 -31.59 20.20
N GLY A 187 -4.23 -30.73 19.83
CA GLY A 187 -4.99 -31.02 18.63
C GLY A 187 -5.47 -29.78 17.94
N ILE A 188 -5.97 -30.00 16.72
CA ILE A 188 -6.58 -28.92 15.95
C ILE A 188 -8.02 -28.75 16.41
N VAL A 189 -8.36 -27.54 16.86
CA VAL A 189 -9.72 -27.26 17.30
C VAL A 189 -10.60 -26.89 16.10
N VAL A 190 -10.12 -25.96 15.27
CA VAL A 190 -10.82 -25.58 14.05
C VAL A 190 -9.78 -25.22 13.02
N SER A 191 -10.07 -25.49 11.75
CA SER A 191 -9.13 -25.10 10.69
C SER A 191 -9.83 -25.06 9.35
N SER A 193 -8.66 -24.62 4.89
CA SER A 193 -7.63 -24.39 3.89
C SER A 193 -8.26 -23.82 2.62
N ILE A 194 -7.48 -23.03 1.87
CA ILE A 194 -7.95 -22.46 0.62
C ILE A 194 -6.87 -22.67 -0.44
N LYS A 195 -7.27 -22.54 -1.70
CA LYS A 195 -6.37 -22.79 -2.83
C LYS A 195 -5.48 -21.60 -3.15
N ILE A 196 -5.76 -20.44 -2.57
CA ILE A 196 -4.98 -19.23 -2.80
C ILE A 196 -3.69 -19.37 -2.00
N ALA A 197 -2.60 -19.72 -2.67
CA ALA A 197 -1.31 -19.94 -2.03
C ALA A 197 -0.23 -19.61 -3.05
N GLY A 198 0.98 -20.16 -2.88
CA GLY A 198 2.11 -19.71 -3.66
C GLY A 198 1.95 -19.93 -5.16
N ASN A 199 1.51 -21.12 -5.55
CA ASN A 199 1.34 -21.40 -6.97
C ASN A 199 0.33 -20.45 -7.61
N TYR A 200 -0.80 -20.23 -6.93
CA TYR A 200 -1.80 -19.29 -7.43
C TYR A 200 -1.22 -17.89 -7.59
N ILE A 201 -0.43 -17.45 -6.61
CA ILE A 201 0.15 -16.11 -6.64
C ILE A 201 1.04 -15.96 -7.86
N ASP A 202 1.89 -16.95 -8.11
CA ASP A 202 2.81 -16.86 -9.23
C ASP A 202 2.08 -16.89 -10.57
N GLU A 203 0.99 -17.66 -10.65
CA GLU A 203 0.22 -17.67 -11.90
CA GLU A 203 0.19 -17.68 -11.88
C GLU A 203 -0.46 -16.32 -12.12
N GLU A 204 -0.89 -15.67 -11.06
CA GLU A 204 -1.48 -14.33 -11.20
C GLU A 204 -0.43 -13.31 -11.62
N ILE A 205 0.80 -13.44 -11.10
CA ILE A 205 1.87 -12.54 -11.54
C ILE A 205 2.14 -12.75 -13.03
N LEU A 206 2.21 -14.01 -13.46
CA LEU A 206 2.40 -14.32 -14.89
C LEU A 206 1.31 -13.66 -15.73
N TYR A 208 -0.68 -11.15 -14.88
CA TYR A 208 -0.57 -9.70 -14.75
C TYR A 208 0.51 -9.16 -15.70
N ILE A 209 1.66 -9.84 -15.76
CA ILE A 209 2.75 -9.39 -16.63
C ILE A 209 2.29 -9.41 -18.09
N ARG A 210 1.58 -10.46 -18.49
CA ARG A 210 1.06 -10.50 -19.85
C ARG A 210 0.10 -9.34 -20.09
N ALA A 211 -0.80 -9.09 -19.12
CA ALA A 211 -1.88 -8.14 -19.34
C ALA A 211 -1.38 -6.69 -19.35
N LYS A 212 -0.41 -6.37 -18.49
CA LYS A 212 0.06 -5.00 -18.28
CA LYS A 212 0.03 -4.99 -18.33
C LYS A 212 1.28 -4.67 -19.13
N HIS A 213 2.12 -5.65 -19.43
CA HIS A 213 3.35 -5.42 -20.16
C HIS A 213 3.37 -6.08 -21.53
N THR A 214 2.30 -6.75 -21.92
CA THR A 214 2.17 -7.44 -23.21
C THR A 214 3.42 -8.27 -23.51
N ILE A 215 3.85 -9.05 -22.53
CA ILE A 215 5.02 -9.90 -22.70
C ILE A 215 4.73 -11.26 -22.09
N SER A 216 5.18 -12.31 -22.77
CA SER A 216 5.02 -13.69 -22.34
C SER A 216 6.23 -14.10 -21.51
N ILE A 217 5.99 -14.54 -20.28
CA ILE A 217 7.00 -15.18 -19.45
C ILE A 217 6.46 -16.50 -18.94
N GLY A 218 7.34 -17.30 -18.34
CA GLY A 218 6.95 -18.54 -17.73
C GLY A 218 6.84 -18.41 -16.21
N VAL A 219 6.50 -19.55 -15.59
CA VAL A 219 6.33 -19.61 -14.14
C VAL A 219 7.66 -19.45 -13.41
N VAL A 220 8.78 -19.92 -13.99
CA VAL A 220 10.07 -19.73 -13.34
C VAL A 220 10.34 -18.25 -13.13
N THR A 221 10.11 -17.44 -14.17
CA THR A 221 10.33 -16.00 -14.05
C THR A 221 9.33 -15.37 -13.09
N ALA A 222 8.06 -15.78 -13.15
CA ALA A 222 7.06 -15.20 -12.26
C ALA A 222 7.43 -15.45 -10.81
N GLU A 223 7.88 -16.67 -10.49
CA GLU A 223 8.29 -16.98 -9.12
C GLU A 223 9.50 -16.17 -8.71
N GLN A 224 10.46 -15.99 -9.63
CA GLN A 224 11.63 -15.17 -9.30
C GLN A 224 11.24 -13.72 -9.06
N ILE A 225 10.29 -13.19 -9.84
CA ILE A 225 9.78 -11.85 -9.57
C ILE A 225 9.22 -11.79 -8.14
N GLN A 228 12.04 -12.11 -5.51
CA GLN A 228 13.04 -11.06 -5.52
C GLN A 228 12.53 -9.66 -5.18
N ILE A 229 11.33 -9.30 -5.63
CA ILE A 229 10.80 -7.95 -5.45
C ILE A 229 9.38 -7.94 -4.91
N GLY A 230 8.77 -9.09 -4.68
CA GLY A 230 7.43 -9.11 -4.13
C GLY A 230 7.40 -8.60 -2.70
N SER A 231 6.30 -7.92 -2.35
CA SER A 231 6.13 -7.38 -1.01
C SER A 231 4.65 -7.10 -0.78
N LEU A 232 4.28 -6.99 0.49
CA LEU A 232 2.93 -6.63 0.89
C LEU A 232 2.88 -5.29 1.61
N TYR A 233 4.00 -4.62 1.74
CA TYR A 233 4.07 -3.32 2.38
C TYR A 233 5.28 -2.60 1.79
N GLY A 235 8.60 -1.22 1.62
CA GLY A 235 9.78 -1.32 2.44
C GLY A 235 10.68 -0.11 2.33
N GLU A 237 13.50 -0.17 1.08
CA GLU A 237 14.27 -0.36 -0.15
C GLU A 237 13.34 -0.43 -1.37
N THR A 238 13.57 0.44 -2.35
CA THR A 238 12.83 0.34 -3.61
C THR A 238 13.55 -0.62 -4.54
N MET A 241 13.14 -5.06 -11.31
CA MET A 241 13.68 -6.22 -11.99
C MET A 241 13.60 -6.08 -13.49
N VAL A 242 14.64 -6.54 -14.18
CA VAL A 242 14.58 -6.76 -15.62
C VAL A 242 14.21 -8.21 -15.85
N ILE A 243 13.23 -8.45 -16.73
CA ILE A 243 12.79 -9.81 -17.05
C ILE A 243 12.88 -10.01 -18.56
N PHE A 244 13.06 -11.27 -18.95
CA PHE A 244 13.22 -11.65 -20.35
C PHE A 244 12.05 -12.51 -20.77
N GLY A 245 11.49 -12.22 -21.94
CA GLY A 245 10.37 -12.97 -22.46
C GLY A 245 10.20 -12.80 -23.96
N ARG A 246 8.98 -13.01 -24.43
CA ARG A 246 8.65 -12.82 -25.84
C ARG A 246 7.52 -11.82 -25.96
N ASP A 247 7.65 -10.93 -26.93
CA ASP A 247 6.57 -9.99 -27.23
C ASP A 247 5.32 -10.79 -27.58
N VAL A 248 4.18 -10.39 -27.00
CA VAL A 248 2.94 -11.09 -27.29
C VAL A 248 2.61 -10.98 -28.77
N VAL A 249 2.79 -9.81 -29.35
CA VAL A 249 2.45 -9.60 -30.76
C VAL A 249 3.44 -10.31 -31.66
N THR A 250 4.72 -9.92 -31.59
CA THR A 250 5.70 -10.36 -32.58
C THR A 250 6.32 -11.72 -32.26
N GLY A 251 6.19 -12.22 -31.03
CA GLY A 251 6.84 -13.46 -30.64
C GLY A 251 8.34 -13.30 -30.55
N MET A 252 8.79 -12.09 -30.86
CA MET A 252 10.19 -11.75 -30.84
C MET A 252 10.68 -11.58 -29.41
N PRO A 253 11.98 -11.75 -29.18
CA PRO A 253 12.55 -11.49 -27.85
C PRO A 253 12.22 -10.11 -27.31
N GLU A 255 12.49 -7.63 -23.48
CA GLU A 255 12.80 -7.47 -22.07
C GLU A 255 12.08 -6.25 -21.55
N THR A 256 11.68 -6.27 -20.28
CA THR A 256 10.97 -5.16 -19.68
C THR A 256 11.34 -5.08 -18.20
N GLU A 257 11.06 -3.93 -17.59
CA GLU A 257 11.35 -3.68 -16.18
CA GLU A 257 11.35 -3.71 -16.19
C GLU A 257 10.06 -3.82 -15.38
N ILE A 258 10.13 -4.54 -14.27
CA ILE A 258 8.99 -4.70 -13.36
C ILE A 258 9.33 -3.98 -12.06
N LEU A 259 8.43 -3.13 -11.60
CA LEU A 259 8.61 -2.39 -10.36
C LEU A 259 7.99 -3.13 -9.20
N ASP A 260 8.61 -3.02 -8.03
CA ASP A 260 8.03 -3.69 -6.86
C ASP A 260 6.65 -3.11 -6.53
N SER A 261 6.42 -1.82 -6.81
CA SER A 261 5.14 -1.22 -6.46
C SER A 261 3.99 -1.87 -7.21
N GLU A 262 4.18 -2.25 -8.48
CA GLU A 262 3.07 -2.87 -9.21
C GLU A 262 2.83 -4.30 -8.73
N ILE A 263 3.87 -5.00 -8.31
CA ILE A 263 3.69 -6.35 -7.79
C ILE A 263 3.06 -6.29 -6.39
N ARG A 264 3.40 -5.26 -5.62
CA ARG A 264 2.82 -5.12 -4.28
C ARG A 264 1.32 -4.90 -4.35
N LYS A 265 0.88 -4.04 -5.26
CA LYS A 265 -0.55 -3.81 -5.43
C LYS A 265 -1.27 -5.12 -5.75
N LEU A 266 -0.68 -5.94 -6.62
CA LEU A 266 -1.27 -7.22 -6.99
C LEU A 266 -1.31 -8.17 -5.79
N LEU A 267 -0.20 -8.30 -5.07
CA LEU A 267 -0.15 -9.21 -3.93
C LEU A 267 -1.15 -8.79 -2.85
N ILE A 268 -1.24 -7.49 -2.55
CA ILE A 268 -2.21 -7.02 -1.55
C ILE A 268 -3.62 -7.45 -1.96
N SER A 269 -3.97 -7.25 -3.23
CA SER A 269 -5.30 -7.65 -3.69
C SER A 269 -5.50 -9.16 -3.55
N ILE A 270 -4.49 -9.96 -3.92
CA ILE A 270 -4.63 -11.41 -3.81
C ILE A 270 -4.82 -11.82 -2.35
N PHE A 271 -4.07 -11.17 -1.45
CA PHE A 271 -4.07 -11.56 -0.04
C PHE A 271 -5.36 -11.20 0.69
N SER A 272 -6.29 -10.48 0.05
CA SER A 272 -7.60 -10.29 0.67
C SER A 272 -8.27 -11.62 1.00
N SER A 273 -8.04 -12.66 0.18
CA SER A 273 -8.61 -13.97 0.49
C SER A 273 -7.93 -14.60 1.70
N ILE A 274 -6.67 -14.25 1.93
CA ILE A 274 -5.94 -14.85 3.04
C ILE A 274 -6.29 -14.14 4.34
N THR A 275 -6.42 -12.81 4.32
CA THR A 275 -6.95 -12.13 5.49
C THR A 275 -8.38 -12.59 5.77
N GLN A 276 -9.17 -12.83 4.73
CA GLN A 276 -10.53 -13.33 4.95
C GLN A 276 -10.50 -14.69 5.64
N LEU A 277 -9.56 -15.55 5.25
CA LEU A 277 -9.46 -16.86 5.89
C LEU A 277 -9.17 -16.71 7.38
N VAL A 278 -8.24 -15.81 7.71
CA VAL A 278 -7.89 -15.58 9.11
C VAL A 278 -9.10 -15.07 9.88
N THR A 279 -9.86 -14.14 9.30
CA THR A 279 -11.08 -13.67 9.96
C THR A 279 -12.09 -14.80 10.14
N ASP A 280 -12.26 -15.63 9.10
CA ASP A 280 -13.21 -16.74 9.17
C ASP A 280 -12.85 -17.70 10.29
N ILE A 281 -11.56 -17.99 10.47
CA ILE A 281 -11.15 -18.85 11.59
C ILE A 281 -11.51 -18.19 12.92
N LEU A 282 -11.17 -16.92 13.08
CA LEU A 282 -11.47 -16.24 14.34
C LEU A 282 -12.96 -16.28 14.64
N GLU A 283 -13.79 -16.07 13.61
CA GLU A 283 -15.23 -16.07 13.84
C GLU A 283 -15.76 -17.44 14.28
N SER A 284 -15.07 -18.51 13.89
CA SER A 284 -15.43 -19.87 14.31
C SER A 284 -14.66 -20.33 15.54
N THR A 285 -13.90 -19.47 16.18
CA THR A 285 -13.08 -19.90 17.31
C THR A 285 -13.90 -19.89 18.60
N PRO A 286 -13.96 -20.99 19.34
CA PRO A 286 -14.60 -20.97 20.66
C PRO A 286 -14.07 -19.83 21.54
N ALA A 287 -14.99 -19.23 22.31
CA ALA A 287 -14.73 -17.92 22.92
C ALA A 287 -13.52 -17.93 23.85
N GLU A 288 -13.33 -19.00 24.63
CA GLU A 288 -12.19 -19.00 25.54
C GLU A 288 -10.88 -19.03 24.76
N LEU A 289 -10.87 -19.72 23.62
CA LEU A 289 -9.69 -19.77 22.78
C LEU A 289 -9.50 -18.47 22.00
N ALA A 290 -10.58 -17.74 21.72
CA ALA A 290 -10.46 -16.53 20.91
C ALA A 290 -9.68 -15.46 21.66
N GLY A 291 -9.85 -15.38 22.98
CA GLY A 291 -9.08 -14.43 23.75
C GLY A 291 -7.59 -14.71 23.67
N ASP A 292 -7.22 -16.00 23.62
CA ASP A 292 -5.81 -16.36 23.46
C ASP A 292 -5.29 -15.93 22.09
N ALA A 293 -6.09 -16.18 21.05
CA ALA A 293 -5.69 -15.82 19.70
C ALA A 293 -5.49 -14.31 19.56
N VAL A 294 -6.37 -13.52 20.18
CA VAL A 294 -6.29 -12.07 20.04
C VAL A 294 -5.13 -11.52 20.86
N MET A 295 -4.99 -11.98 22.11
CA MET A 295 -3.93 -11.46 22.97
C MET A 295 -2.55 -11.85 22.46
N ASN A 296 -2.38 -13.10 22.02
CA ASN A 296 -1.05 -13.58 21.66
C ASN A 296 -0.75 -13.42 20.18
N GLY A 297 -1.77 -13.37 19.35
CA GLY A 297 -1.61 -13.06 17.95
C GLY A 297 -1.41 -14.29 17.09
N LEU A 298 -0.94 -14.01 15.88
CA LEU A 298 -0.86 -14.98 14.80
C LEU A 298 0.57 -15.49 14.66
N LEU A 299 0.70 -16.79 14.43
CA LEU A 299 1.98 -17.42 14.08
C LEU A 299 1.89 -17.79 12.60
N VAL A 300 2.91 -17.43 11.82
CA VAL A 300 2.83 -17.59 10.37
C VAL A 300 4.00 -18.43 9.90
N SER A 301 3.70 -19.49 9.14
CA SER A 301 4.72 -20.37 8.61
C SER A 301 4.43 -20.69 7.14
N GLY A 302 5.21 -21.61 6.57
CA GLY A 302 5.13 -21.89 5.15
C GLY A 302 6.05 -21.00 4.33
N GLY A 303 6.38 -21.46 3.12
CA GLY A 303 7.37 -20.76 2.31
C GLY A 303 6.97 -19.34 1.99
N CYS A 304 5.68 -19.09 1.80
CA CYS A 304 5.22 -17.75 1.49
C CYS A 304 5.22 -16.83 2.72
N ALA A 305 5.47 -17.35 3.93
CA ALA A 305 5.61 -16.48 5.10
C ALA A 305 6.79 -15.53 4.95
N GLN A 306 7.67 -15.78 4.00
CA GLN A 306 8.87 -15.00 3.75
C GLN A 306 8.64 -13.80 2.84
N ILE A 307 7.41 -13.59 2.35
CA ILE A 307 7.14 -12.43 1.50
C ILE A 307 7.41 -11.14 2.28
N SER A 308 8.21 -10.26 1.69
CA SER A 308 8.57 -9.03 2.37
C SER A 308 7.34 -8.24 2.80
N GLY A 309 7.35 -7.74 4.05
CA GLY A 309 6.29 -6.89 4.54
C GLY A 309 5.05 -7.63 5.01
N LEU A 310 5.06 -8.95 5.01
CA LEU A 310 3.90 -9.72 5.44
C LEU A 310 3.50 -9.38 6.87
N GLU A 312 4.07 -6.63 8.73
CA GLU A 312 3.45 -5.30 8.74
C GLU A 312 2.03 -5.29 8.17
N PHE A 313 1.86 -5.98 7.04
CA PHE A 313 0.56 -6.06 6.38
C PHE A 313 -0.49 -6.67 7.31
N LEU A 314 -0.16 -7.81 7.94
CA LEU A 314 -1.11 -8.50 8.81
C LEU A 314 -1.33 -7.75 10.12
N GLU A 315 -0.26 -7.19 10.70
CA GLU A 315 -0.41 -6.44 11.94
C GLU A 315 -1.27 -5.21 11.72
N SER A 316 -1.11 -4.53 10.59
CA SER A 316 -1.94 -3.35 10.35
C SER A 316 -3.40 -3.74 10.18
N TYR A 317 -3.68 -4.88 9.53
CA TYR A 317 -5.06 -5.24 9.26
C TYR A 317 -5.76 -5.78 10.50
N PHE A 318 -5.08 -6.62 11.27
CA PHE A 318 -5.69 -7.33 12.39
C PHE A 318 -5.42 -6.69 13.74
N GLN A 319 -4.39 -5.85 13.86
CA GLN A 319 -4.08 -5.14 15.10
C GLN A 319 -3.84 -6.11 16.25
N ILE A 320 -3.22 -7.25 15.94
CA ILE A 320 -2.73 -8.21 16.94
C ILE A 320 -1.27 -8.50 16.61
N PRO A 321 -0.52 -9.07 17.54
CA PRO A 321 0.87 -9.42 17.24
C PRO A 321 0.94 -10.47 16.14
N VAL A 322 1.96 -10.35 15.29
CA VAL A 322 2.20 -11.35 14.25
C VAL A 322 3.64 -11.84 14.35
N ILE A 324 6.38 -14.05 12.48
CA ILE A 324 6.80 -14.79 11.29
C ILE A 324 7.80 -15.85 11.75
N ALA A 325 7.51 -17.12 11.50
CA ALA A 325 8.40 -18.19 11.92
C ALA A 325 9.77 -18.01 11.28
N ASN A 327 11.78 -20.41 10.92
CA ASN A 327 11.95 -21.68 10.20
C ASN A 327 10.72 -21.99 9.35
N PRO A 328 10.33 -21.06 8.47
CA PRO A 328 9.01 -21.18 7.83
C PRO A 328 8.86 -22.40 6.94
N GLN A 329 9.93 -22.89 6.30
CA GLN A 329 9.78 -24.06 5.45
C GLN A 329 10.17 -25.37 6.13
N THR A 330 10.86 -25.34 7.26
CA THR A 330 11.12 -26.57 8.01
C THR A 330 10.21 -26.71 9.22
N ALA A 331 9.21 -25.84 9.37
CA ALA A 331 8.35 -25.89 10.55
C ALA A 331 7.68 -27.24 10.70
N VAL A 332 7.20 -27.83 9.60
CA VAL A 332 6.47 -29.08 9.72
C VAL A 332 7.42 -30.21 10.11
N ILE A 333 8.57 -30.34 9.41
CA ILE A 333 9.50 -31.40 9.78
C ILE A 333 10.03 -31.17 11.20
N ASP A 334 10.24 -29.91 11.58
CA ASP A 334 10.75 -29.65 12.92
C ASP A 334 9.72 -30.05 13.98
N GLY A 335 8.44 -29.85 13.68
CA GLY A 335 7.41 -30.33 14.58
C GLY A 335 7.41 -31.84 14.67
N CYS A 336 7.61 -32.49 13.53
CA CYS A 336 7.67 -33.94 13.47
C CYS A 336 8.78 -34.45 14.36
N ILE A 337 9.95 -33.81 14.30
CA ILE A 337 11.08 -34.17 15.14
C ILE A 337 10.73 -33.98 16.62
N ALA A 338 10.10 -32.84 16.95
CA ALA A 338 9.65 -32.61 18.32
C ALA A 338 8.59 -33.61 18.75
N TYR A 339 7.87 -34.21 17.81
CA TYR A 339 6.80 -35.13 18.13
C TYR A 339 7.30 -36.56 18.36
N GLU A 340 8.60 -36.80 18.28
CA GLU A 340 9.17 -38.15 18.35
C GLU A 340 8.78 -38.93 19.60
N GLU A 342 6.21 -38.50 21.63
CA GLU A 342 4.80 -38.79 21.52
C GLU A 342 4.54 -40.01 20.60
N ILE A 343 5.24 -40.08 19.47
CA ILE A 343 5.07 -41.23 18.59
C ILE A 343 5.69 -42.48 19.21
N ARG A 344 6.83 -42.34 19.88
CA ARG A 344 7.44 -43.49 20.55
C ARG A 344 6.60 -44.00 21.70
N ASP A 345 5.90 -43.09 22.41
CA ASP A 345 5.02 -43.51 23.49
C ASP A 345 3.80 -44.26 22.96
N ARG A 346 3.41 -43.98 21.70
CA ARG A 346 2.28 -44.71 21.12
C ARG A 346 2.64 -46.15 20.82
N LEU A 347 3.93 -46.45 20.59
CA LEU A 347 4.33 -47.82 20.34
C LEU A 347 4.53 -48.60 21.63
N ILE A 348 5.19 -47.99 22.63
CA ILE A 348 5.34 -48.64 23.93
C ILE A 348 3.98 -49.02 24.49
N GLU A 349 2.98 -48.14 24.30
CA GLU A 349 1.65 -48.37 24.87
C GLU A 349 0.81 -49.32 24.02
N GLU A 350 1.10 -49.42 22.73
CA GLU A 350 0.40 -50.42 21.92
C GLU A 350 0.82 -51.84 22.25
N ASN A 351 1.81 -52.01 23.13
CA ASN A 351 2.11 -53.31 23.72
C ASN A 351 1.31 -53.47 25.01
N PRO B 21 -0.95 56.20 -12.67
CA PRO B 21 -1.59 55.26 -13.58
C PRO B 21 -2.69 54.45 -12.92
N ARG B 22 -3.18 53.43 -13.62
CA ARG B 22 -4.21 52.54 -13.11
C ARG B 22 -3.69 51.74 -11.91
N PHE B 24 -3.24 48.36 -9.77
CA PHE B 24 -3.18 46.94 -10.08
C PHE B 24 -3.63 46.17 -8.84
N ILE B 25 -4.62 45.30 -9.01
CA ILE B 25 -5.16 44.49 -7.91
C ILE B 25 -5.02 43.03 -8.31
N ALA B 26 -4.35 42.25 -7.47
CA ALA B 26 -4.18 40.83 -7.70
C ALA B 26 -4.83 40.06 -6.57
N ILE B 27 -5.52 38.96 -6.91
CA ILE B 27 -6.23 38.17 -5.93
C ILE B 27 -5.92 36.69 -6.15
N ASP B 28 -5.40 36.03 -5.13
CA ASP B 28 -5.23 34.58 -5.12
C ASP B 28 -6.43 34.02 -4.35
N LEU B 29 -7.41 33.50 -5.10
CA LEU B 29 -8.62 32.93 -4.53
C LEU B 29 -8.34 31.47 -4.20
N GLY B 30 -8.23 31.17 -2.91
CA GLY B 30 -7.89 29.81 -2.53
C GLY B 30 -8.97 29.13 -1.72
N THR B 31 -8.91 27.80 -1.70
CA THR B 31 -9.92 27.04 -0.97
C THR B 31 -9.79 27.24 0.53
N THR B 32 -8.56 27.37 1.01
CA THR B 32 -8.27 27.55 2.43
C THR B 32 -8.02 29.00 2.80
N ASN B 33 -7.10 29.65 2.09
CA ASN B 33 -6.72 31.03 2.30
C ASN B 33 -6.82 31.79 1.00
N SER B 34 -6.97 33.09 1.11
CA SER B 34 -6.97 33.98 -0.04
C SER B 34 -6.05 35.15 0.26
N ILE B 35 -5.43 35.68 -0.78
CA ILE B 35 -4.46 36.76 -0.64
C ILE B 35 -4.84 37.85 -1.63
N ALA B 36 -4.77 39.10 -1.19
CA ALA B 36 -5.01 40.25 -2.04
C ALA B 36 -3.85 41.22 -1.96
N TYR B 37 -3.47 41.73 -3.12
CA TYR B 37 -2.36 42.64 -3.29
C TYR B 37 -2.83 43.84 -4.09
N ILE B 38 -2.39 45.04 -3.69
CA ILE B 38 -2.66 46.25 -4.45
C ILE B 38 -1.33 46.95 -4.68
N GLY B 39 -0.99 47.17 -5.95
CA GLY B 39 0.27 47.82 -6.28
C GLY B 39 0.37 49.16 -5.58
N GLY B 40 1.48 49.39 -4.89
CA GLY B 40 1.65 50.57 -4.08
C GLY B 40 1.25 50.41 -2.64
N ARG B 41 0.47 49.39 -2.31
CA ARG B 41 0.13 49.07 -0.92
C ARG B 41 0.69 47.73 -0.45
N GLY B 42 1.02 46.83 -1.36
CA GLY B 42 1.45 45.50 -0.95
C GLY B 42 0.27 44.59 -0.65
N ILE B 43 0.54 43.58 0.20
CA ILE B 43 -0.47 42.62 0.58
C ILE B 43 -1.45 43.28 1.54
N ILE B 44 -2.73 43.31 1.16
CA ILE B 44 -3.76 43.89 2.02
C ILE B 44 -4.63 42.84 2.68
N TYR B 45 -4.45 41.56 2.33
CA TYR B 45 -5.27 40.50 2.91
C TYR B 45 -4.52 39.19 2.68
N ASN B 46 -4.34 38.43 3.75
CA ASN B 46 -3.80 37.08 3.64
C ASN B 46 -4.31 36.26 4.81
N GLU B 47 -5.52 35.72 4.67
CA GLU B 47 -6.19 35.01 5.75
C GLU B 47 -7.09 33.93 5.16
N ALA B 48 -7.81 33.25 6.05
CA ALA B 48 -8.72 32.19 5.65
C ALA B 48 -9.78 32.70 4.69
N SER B 49 -10.22 31.81 3.80
CA SER B 49 -11.27 32.11 2.84
C SER B 49 -12.63 31.85 3.48
N VAL B 50 -12.92 32.61 4.54
CA VAL B 50 -14.12 32.44 5.34
C VAL B 50 -14.83 33.79 5.49
N MET B 51 -16.16 33.75 5.45
CA MET B 51 -17.01 34.93 5.56
C MET B 51 -18.12 34.66 6.56
N ALA B 52 -18.56 35.70 7.27
CA ALA B 52 -19.61 35.54 8.28
C ALA B 52 -20.55 36.74 8.28
N TYR B 53 -21.85 36.46 8.16
CA TYR B 53 -22.91 37.45 8.29
C TYR B 53 -23.78 37.11 9.50
N GLU B 54 -24.54 38.11 9.97
CA GLU B 54 -25.59 37.83 10.95
C GLU B 54 -26.76 37.19 10.24
N THR B 55 -27.32 36.14 10.85
CA THR B 55 -28.22 35.24 10.14
C THR B 55 -29.37 35.99 9.50
N GLY B 56 -29.55 35.77 8.21
CA GLY B 56 -30.58 36.44 7.45
C GLY B 56 -30.20 37.80 6.94
N THR B 57 -28.91 38.13 6.95
CA THR B 57 -28.47 39.44 6.48
C THR B 57 -27.32 39.34 5.50
N LYS B 59 -24.64 41.53 6.34
CA LYS B 59 -23.77 42.44 7.08
C LYS B 59 -22.59 41.68 7.68
N LEU B 60 -21.39 42.12 7.29
CA LEU B 60 -20.15 41.41 7.57
C LEU B 60 -19.80 41.52 9.04
N VAL B 61 -19.82 40.40 9.76
CA VAL B 61 -19.40 40.35 11.15
C VAL B 61 -17.97 39.89 11.29
N ALA B 62 -17.55 38.97 10.43
CA ALA B 62 -16.22 38.41 10.51
C ALA B 62 -15.74 38.12 9.10
N LEU B 63 -14.45 38.35 8.86
CA LEU B 63 -13.83 38.07 7.58
C LEU B 63 -12.49 37.43 7.87
N GLY B 64 -12.21 36.31 7.22
CA GLY B 64 -10.91 35.68 7.37
C GLY B 64 -10.82 34.92 8.67
N GLU B 65 -9.70 35.11 9.38
CA GLU B 65 -9.48 34.33 10.59
C GLU B 65 -10.51 34.66 11.67
N ASP B 66 -10.92 35.93 11.76
CA ASP B 66 -12.02 36.31 12.63
C ASP B 66 -13.25 35.45 12.39
N ALA B 67 -13.37 34.85 11.21
CA ALA B 67 -14.49 33.99 10.88
C ALA B 67 -14.15 32.50 10.94
N ARG B 68 -12.94 32.11 10.54
CA ARG B 68 -12.54 30.70 10.63
C ARG B 68 -12.47 30.26 12.09
N LEU B 70 -14.39 30.85 14.28
CA LEU B 70 -15.75 30.67 14.79
C LEU B 70 -16.41 29.37 14.34
N ILE B 71 -15.80 28.68 13.37
CA ILE B 71 -16.41 27.48 12.81
C ILE B 71 -16.58 26.44 13.91
N GLY B 72 -17.83 26.06 14.18
CA GLY B 72 -18.13 25.05 15.17
C GLY B 72 -17.83 25.47 16.59
N THR B 74 -19.89 28.47 17.76
CA THR B 74 -21.13 29.13 18.17
C THR B 74 -22.39 28.45 17.64
N HIS B 75 -23.52 28.81 18.25
CA HIS B 75 -24.84 28.36 17.80
C HIS B 75 -25.82 29.53 17.74
N ASP B 76 -25.35 30.76 17.94
CA ASP B 76 -26.19 31.94 17.77
C ASP B 76 -26.43 32.10 16.28
N LYS B 77 -26.84 33.27 15.82
CA LYS B 77 -27.26 33.33 14.42
C LYS B 77 -26.31 34.20 13.60
N ILE B 78 -25.07 33.67 13.52
CA ILE B 78 -24.08 34.03 12.52
C ILE B 78 -24.12 32.96 11.43
N GLU B 79 -24.24 33.38 10.18
CA GLU B 79 -24.19 32.47 9.03
C GLU B 79 -22.80 32.56 8.40
N ILE B 80 -22.13 31.42 8.27
CA ILE B 80 -20.73 31.35 7.86
C ILE B 80 -20.63 30.80 6.44
N TYR B 81 -19.84 31.48 5.60
CA TYR B 81 -19.70 31.10 4.20
C TYR B 81 -18.23 30.95 3.82
N THR B 82 -17.98 30.13 2.79
CA THR B 82 -16.68 30.07 2.16
C THR B 82 -16.87 30.08 0.64
N PRO B 83 -16.04 30.83 -0.09
CA PRO B 83 -16.25 30.91 -1.54
C PRO B 83 -16.00 29.59 -2.24
N LEU B 84 -15.06 28.78 -1.77
CA LEU B 84 -14.66 27.56 -2.45
C LEU B 84 -14.81 26.37 -1.52
N ARG B 85 -15.39 25.30 -2.04
CA ARG B 85 -15.45 24.01 -1.35
C ARG B 85 -14.69 23.02 -2.22
N ASN B 86 -13.50 22.64 -1.78
CA ASN B 86 -12.68 21.65 -2.49
C ASN B 86 -12.39 22.08 -3.92
N GLY B 87 -11.93 23.32 -4.08
CA GLY B 87 -11.53 23.82 -5.36
C GLY B 87 -12.64 24.33 -6.25
N ALA B 88 -13.90 24.08 -5.90
CA ALA B 88 -15.03 24.41 -6.75
C ALA B 88 -15.88 25.49 -6.10
N ILE B 89 -16.57 26.25 -6.94
CA ILE B 89 -17.43 27.33 -6.45
C ILE B 89 -18.59 26.74 -5.68
N THR B 90 -18.80 27.23 -4.45
CA THR B 90 -19.98 26.89 -3.68
C THR B 90 -21.20 27.57 -4.30
N ASP B 91 -21.21 28.91 -4.21
CA ASP B 91 -22.23 29.72 -4.86
C ASP B 91 -21.56 30.97 -5.40
N LEU B 92 -21.82 31.28 -6.68
CA LEU B 92 -21.11 32.35 -7.36
C LEU B 92 -21.24 33.69 -6.64
N ARG B 93 -22.42 33.96 -6.07
CA ARG B 93 -22.64 35.23 -5.37
C ARG B 93 -21.79 35.33 -4.10
N ILE B 94 -21.66 34.23 -3.36
CA ILE B 94 -20.79 34.23 -2.19
C ILE B 94 -19.35 34.52 -2.59
N ALA B 95 -18.84 33.82 -3.60
CA ALA B 95 -17.50 34.08 -4.08
C ALA B 95 -17.34 35.54 -4.51
N GLU B 96 -18.34 36.07 -5.22
CA GLU B 96 -18.28 37.45 -5.67
C GLU B 96 -18.30 38.42 -4.49
N GLU B 97 -19.15 38.16 -3.49
CA GLU B 97 -19.15 38.99 -2.30
C GLU B 97 -17.81 38.92 -1.58
N PHE B 98 -17.23 37.72 -1.48
CA PHE B 98 -15.96 37.57 -0.78
C PHE B 98 -14.85 38.41 -1.43
N ILE B 99 -14.79 38.41 -2.76
CA ILE B 99 -13.79 39.20 -3.46
C ILE B 99 -13.96 40.69 -3.15
N GLN B 100 -15.22 41.14 -3.05
CA GLN B 100 -15.47 42.56 -2.77
C GLN B 100 -15.03 42.94 -1.35
N HIS B 101 -15.40 42.14 -0.36
CA HIS B 101 -14.98 42.43 1.01
C HIS B 101 -13.46 42.43 1.12
N ILE B 102 -12.79 41.59 0.32
CA ILE B 102 -11.34 41.59 0.27
CA ILE B 102 -11.34 41.59 0.28
C ILE B 102 -10.83 42.98 -0.10
N GLY B 103 -11.46 43.61 -1.10
CA GLY B 103 -11.02 44.93 -1.55
C GLY B 103 -11.39 46.05 -0.61
N ASN B 104 -12.53 45.94 0.09
CA ASN B 104 -12.86 46.93 1.11
C ASN B 104 -11.77 47.01 2.18
N ARG B 105 -11.09 45.89 2.45
CA ARG B 105 -10.01 45.87 3.43
C ARG B 105 -8.94 46.93 3.13
N ALA B 106 -8.77 47.29 1.86
CA ALA B 106 -7.78 48.29 1.50
C ALA B 106 -8.12 49.66 2.07
N LYS B 107 -9.41 49.93 2.32
CA LYS B 107 -9.87 51.20 2.87
C LYS B 107 -9.42 52.38 2.02
N VAL B 108 -9.60 52.27 0.71
CA VAL B 108 -9.37 53.37 -0.22
C VAL B 108 -10.58 53.48 -1.12
N GLN B 109 -11.11 54.70 -1.24
CA GLN B 109 -12.37 54.88 -1.95
C GLN B 109 -12.20 54.58 -3.44
N ASP B 110 -13.21 53.93 -4.00
CA ASP B 110 -13.23 53.58 -5.42
C ASP B 110 -11.96 52.84 -5.83
N VAL B 111 -11.63 51.81 -5.05
CA VAL B 111 -10.42 51.02 -5.30
C VAL B 111 -10.46 50.32 -6.65
N TRP B 112 -11.66 49.96 -7.12
CA TRP B 112 -11.79 49.22 -8.38
C TRP B 112 -11.86 50.09 -9.63
N LYS B 113 -12.14 51.39 -9.49
CA LYS B 113 -12.45 52.19 -10.67
C LYS B 113 -11.22 52.37 -11.54
N GLY B 114 -11.33 51.94 -12.80
CA GLY B 114 -10.22 51.98 -13.73
C GLY B 114 -9.10 51.04 -13.40
N SER B 115 -9.32 50.05 -12.55
CA SER B 115 -8.25 49.20 -12.08
C SER B 115 -7.96 48.09 -13.10
N ILE B 116 -6.74 47.56 -13.00
CA ILE B 116 -6.35 46.32 -13.66
C ILE B 116 -6.43 45.23 -12.61
N VAL B 117 -7.20 44.17 -12.87
CA VAL B 117 -7.45 43.13 -11.89
C VAL B 117 -6.98 41.79 -12.45
N LEU B 118 -6.12 41.11 -11.68
CA LEU B 118 -5.69 39.75 -11.99
C LEU B 118 -6.16 38.85 -10.87
N ILE B 119 -6.98 37.85 -11.22
CA ILE B 119 -7.48 36.86 -10.26
C ILE B 119 -6.86 35.52 -10.63
N ALA B 120 -6.25 34.85 -9.65
CA ALA B 120 -5.81 33.47 -9.83
C ALA B 120 -6.77 32.56 -9.10
N CYS B 121 -7.20 31.48 -9.73
CA CYS B 121 -8.17 30.62 -9.09
C CYS B 121 -7.87 29.17 -9.46
N PRO B 122 -8.45 28.20 -8.72
CA PRO B 122 -8.25 26.80 -9.06
C PRO B 122 -8.85 26.45 -10.42
N SER B 124 -10.73 24.15 -11.16
CA SER B 124 -12.09 23.70 -10.98
C SER B 124 -13.13 24.79 -11.12
N VAL B 125 -12.70 26.05 -11.14
CA VAL B 125 -13.61 27.16 -11.40
C VAL B 125 -13.86 27.19 -12.91
N THR B 126 -15.12 27.01 -13.29
CA THR B 126 -15.47 26.83 -14.68
C THR B 126 -15.23 28.11 -15.48
N GLU B 127 -15.15 27.95 -16.81
CA GLU B 127 -14.93 29.09 -17.69
C GLU B 127 -16.00 30.17 -17.48
N LEU B 128 -17.26 29.76 -17.28
CA LEU B 128 -18.32 30.74 -17.10
C LEU B 128 -18.33 31.34 -15.70
N GLU B 129 -17.83 30.60 -14.72
CA GLU B 129 -17.66 31.19 -13.39
C GLU B 129 -16.52 32.21 -13.41
N ARG B 130 -15.44 31.91 -14.16
CA ARG B 130 -14.39 32.89 -14.32
C ARG B 130 -14.91 34.15 -15.01
N ARG B 131 -15.72 33.97 -16.06
CA ARG B 131 -16.26 35.12 -16.78
C ARG B 131 -17.17 35.96 -15.89
N ALA B 132 -17.92 35.31 -15.01
CA ALA B 132 -18.78 36.03 -14.07
C ALA B 132 -17.96 36.87 -13.10
N MET B 133 -16.75 36.42 -12.75
CA MET B 133 -15.88 37.24 -11.93
C MET B 133 -15.32 38.42 -12.73
N VAL B 134 -14.94 38.18 -13.99
CA VAL B 134 -14.52 39.27 -14.86
C VAL B 134 -15.62 40.32 -14.96
N GLU B 135 -16.86 39.86 -15.19
CA GLU B 135 -17.99 40.78 -15.32
C GLU B 135 -18.24 41.55 -14.04
N MET B 136 -18.21 40.86 -12.90
CA MET B 136 -18.45 41.55 -11.63
C MET B 136 -17.46 42.69 -11.43
N CYS B 137 -16.18 42.41 -11.68
CA CYS B 137 -15.13 43.38 -11.40
C CYS B 137 -15.23 44.56 -12.36
N HIS B 139 -18.01 45.61 -13.56
CA HIS B 139 -19.16 46.39 -13.09
C HIS B 139 -18.84 47.16 -11.80
N LEU B 140 -17.75 46.81 -11.12
CA LEU B 140 -17.21 47.65 -10.06
C LEU B 140 -16.38 48.80 -10.60
N GLY B 141 -16.10 48.81 -11.90
CA GLY B 141 -15.36 49.90 -12.53
C GLY B 141 -14.01 49.52 -13.10
N ALA B 142 -13.59 48.26 -13.05
CA ALA B 142 -12.25 47.89 -13.50
C ALA B 142 -12.12 48.08 -15.01
N ASP B 143 -10.93 48.54 -15.45
CA ASP B 143 -10.65 48.70 -16.87
C ASP B 143 -10.30 47.37 -17.55
N LEU B 144 -9.74 46.42 -16.79
CA LEU B 144 -9.36 45.14 -17.36
C LEU B 144 -9.33 44.11 -16.24
N VAL B 145 -9.88 42.93 -16.51
CA VAL B 145 -9.89 41.84 -15.54
C VAL B 145 -9.43 40.58 -16.26
N GLN B 146 -8.40 39.93 -15.72
CA GLN B 146 -7.89 38.69 -16.27
C GLN B 146 -7.92 37.63 -15.20
N VAL B 147 -8.31 36.41 -15.57
CA VAL B 147 -8.36 35.29 -14.64
C VAL B 147 -7.43 34.21 -15.18
N GLU B 148 -6.58 33.67 -14.31
CA GLU B 148 -5.65 32.62 -14.67
C GLU B 148 -5.74 31.48 -13.67
N GLU B 149 -5.41 30.28 -14.14
CA GLU B 149 -5.33 29.13 -13.24
C GLU B 149 -4.17 29.33 -12.27
N ASP B 150 -4.43 29.01 -11.00
CA ASP B 150 -3.42 29.24 -9.95
C ASP B 150 -2.11 28.55 -10.30
N THR B 151 -2.18 27.36 -10.91
CA THR B 151 -0.98 26.62 -11.24
C THR B 151 0.01 27.48 -12.03
N LEU B 152 -0.49 28.28 -12.97
CA LEU B 152 0.40 29.10 -13.79
C LEU B 152 1.10 30.15 -12.94
N MET B 153 0.36 30.82 -12.05
CA MET B 153 0.97 31.85 -11.23
C MET B 153 1.88 31.25 -10.16
N ALA B 154 1.51 30.09 -9.61
CA ALA B 154 2.35 29.43 -8.61
C ALA B 154 3.76 29.20 -9.15
N ALA B 155 3.86 28.64 -10.36
CA ALA B 155 5.18 28.38 -10.93
C ALA B 155 5.97 29.67 -11.09
N LEU B 156 5.33 30.73 -11.61
CA LEU B 156 6.04 31.99 -11.78
C LEU B 156 6.47 32.56 -10.44
N GLY B 157 5.57 32.52 -9.44
CA GLY B 157 5.90 33.05 -8.13
C GLY B 157 6.98 32.27 -7.43
N ALA B 158 7.07 30.98 -7.71
CA ALA B 158 8.10 30.13 -7.11
C ALA B 158 9.44 30.26 -7.82
N GLY B 159 9.52 31.11 -8.85
CA GLY B 159 10.78 31.45 -9.48
C GLY B 159 11.02 30.86 -10.84
N ALA B 160 10.03 30.18 -11.42
CA ALA B 160 10.24 29.56 -12.73
C ALA B 160 9.93 30.56 -13.81
N ASN B 161 10.67 30.47 -14.92
CA ASN B 161 10.43 31.33 -16.07
C ASN B 161 9.34 30.69 -16.90
N ILE B 162 8.08 30.99 -16.56
CA ILE B 162 6.95 30.44 -17.27
C ILE B 162 6.93 30.90 -18.72
N PHE B 163 7.58 32.01 -19.02
CA PHE B 163 7.54 32.53 -20.38
C PHE B 163 8.51 31.82 -21.31
N ALA B 164 9.51 31.14 -20.78
CA ALA B 164 10.52 30.51 -21.62
C ALA B 164 9.94 29.26 -22.28
N PRO B 165 10.52 28.84 -23.43
CA PRO B 165 10.14 27.58 -24.07
C PRO B 165 10.46 26.32 -23.27
N GLY B 167 10.29 23.57 -20.64
CA GLY B 167 9.17 23.11 -19.86
C GLY B 167 9.41 23.32 -18.38
N THR B 168 8.39 23.84 -17.70
CA THR B 168 8.40 24.01 -16.25
C THR B 168 7.43 23.02 -15.64
N PHE B 169 7.89 22.30 -14.61
CA PHE B 169 7.18 21.21 -13.95
C PHE B 169 6.81 21.67 -12.54
N ILE B 170 5.51 21.81 -12.27
CA ILE B 170 5.05 22.44 -11.03
C ILE B 170 4.08 21.51 -10.30
N LEU B 171 4.21 21.47 -8.97
CA LEU B 171 3.31 20.72 -8.11
C LEU B 171 2.89 21.67 -6.99
N ASP B 172 1.58 21.91 -6.87
CA ASP B 172 1.01 22.82 -5.88
C ASP B 172 0.09 22.00 -4.98
N ILE B 173 0.51 21.79 -3.73
CA ILE B 173 -0.26 20.99 -2.76
C ILE B 173 -0.91 21.97 -1.79
N GLY B 174 -2.20 22.23 -1.99
CA GLY B 174 -2.95 23.21 -1.22
C GLY B 174 -3.80 22.57 -0.14
N GLY B 175 -4.87 23.27 0.25
CA GLY B 175 -5.79 22.74 1.23
C GLY B 175 -6.88 21.89 0.61
N GLY B 176 -7.50 22.39 -0.46
CA GLY B 176 -8.60 21.67 -1.08
C GLY B 176 -8.19 20.83 -2.26
N THR B 178 -4.74 19.42 -4.85
CA THR B 178 -3.35 19.30 -5.30
C THR B 178 -3.37 19.36 -6.82
N SER B 179 -2.58 20.25 -7.40
CA SER B 179 -2.51 20.31 -8.85
C SER B 179 -1.06 20.18 -9.30
N ALA B 180 -0.90 19.59 -10.47
CA ALA B 180 0.40 19.48 -11.11
C ALA B 180 0.24 19.89 -12.56
N GLY B 181 1.31 20.40 -13.14
CA GLY B 181 1.24 20.74 -14.56
C GLY B 181 2.60 20.98 -15.17
N ILE B 182 2.59 21.07 -16.49
CA ILE B 182 3.74 21.45 -17.28
C ILE B 182 3.41 22.77 -17.95
N ILE B 183 4.34 23.72 -17.87
CA ILE B 183 4.17 25.07 -18.36
C ILE B 183 5.23 25.34 -19.41
N SER B 184 4.86 26.06 -20.47
CA SER B 184 5.83 26.52 -21.45
C SER B 184 5.27 27.71 -22.20
N ALA B 185 6.16 28.66 -22.51
CA ALA B 185 5.83 29.76 -23.41
C ALA B 185 4.64 30.57 -22.91
N GLY B 186 4.56 30.77 -21.59
CA GLY B 186 3.54 31.64 -21.04
C GLY B 186 2.22 30.99 -20.71
N GLY B 187 2.09 29.67 -20.89
CA GLY B 187 0.82 29.05 -20.56
C GLY B 187 0.98 27.63 -20.08
N ILE B 188 -0.12 27.08 -19.58
CA ILE B 188 -0.19 25.68 -19.15
C ILE B 188 -0.30 24.79 -20.38
N VAL B 189 0.58 23.81 -20.48
CA VAL B 189 0.49 22.81 -21.55
C VAL B 189 -0.45 21.70 -21.13
N VAL B 190 -0.26 21.16 -19.93
CA VAL B 190 -1.18 20.19 -19.35
C VAL B 190 -1.22 20.42 -17.85
N SER B 191 -2.40 20.35 -17.27
CA SER B 191 -2.52 20.36 -15.81
C SER B 191 -3.68 19.50 -15.35
N SER B 193 -5.85 18.46 -11.45
CA SER B 193 -5.94 18.60 -9.99
C SER B 193 -6.75 17.46 -9.34
N ILE B 194 -6.42 17.14 -8.09
CA ILE B 194 -7.08 16.05 -7.37
C ILE B 194 -7.49 16.55 -6.00
N LYS B 195 -8.44 15.82 -5.40
CA LYS B 195 -8.95 16.18 -4.09
C LYS B 195 -8.02 15.78 -2.95
N ILE B 196 -7.00 14.98 -3.22
CA ILE B 196 -6.06 14.55 -2.19
C ILE B 196 -5.09 15.70 -1.90
N ALA B 197 -5.41 16.49 -0.88
CA ALA B 197 -4.53 17.58 -0.45
C ALA B 197 -4.62 17.77 1.06
N GLY B 198 -4.41 19.00 1.51
CA GLY B 198 -4.23 19.25 2.94
C GLY B 198 -5.41 18.82 3.79
N ASN B 199 -6.62 19.21 3.39
CA ASN B 199 -7.82 18.87 4.14
C ASN B 199 -8.01 17.36 4.21
N TYR B 200 -7.87 16.69 3.05
CA TYR B 200 -7.98 15.23 3.02
C TYR B 200 -6.95 14.58 3.92
N ILE B 201 -5.70 15.06 3.89
CA ILE B 201 -4.64 14.53 4.75
C ILE B 201 -5.05 14.65 6.21
N ASP B 202 -5.47 15.83 6.63
CA ASP B 202 -5.81 16.03 8.04
C ASP B 202 -7.00 15.17 8.45
N GLU B 203 -7.96 14.97 7.55
CA GLU B 203 -9.11 14.13 7.89
CA GLU B 203 -9.11 14.13 7.89
C GLU B 203 -8.69 12.68 8.06
N GLU B 204 -7.76 12.20 7.24
CA GLU B 204 -7.26 10.84 7.40
C GLU B 204 -6.48 10.69 8.70
N ILE B 205 -5.73 11.72 9.08
CA ILE B 205 -5.02 11.68 10.37
C ILE B 205 -6.04 11.60 11.51
N LEU B 206 -7.06 12.45 11.46
CA LEU B 206 -8.15 12.44 12.43
C LEU B 206 -8.70 11.03 12.57
N TYR B 208 -7.50 8.16 11.57
CA TYR B 208 -6.52 7.18 12.03
C TYR B 208 -6.36 7.27 13.55
N ILE B 209 -6.22 8.50 14.06
CA ILE B 209 -5.95 8.65 15.49
C ILE B 209 -7.17 8.24 16.31
N ARG B 210 -8.37 8.62 15.86
CA ARG B 210 -9.57 8.25 16.58
CA ARG B 210 -9.58 8.25 16.57
C ARG B 210 -9.69 6.73 16.69
N ALA B 211 -9.45 6.01 15.60
CA ALA B 211 -9.51 4.55 15.63
C ALA B 211 -8.39 3.96 16.46
N LYS B 212 -7.13 4.35 16.18
CA LYS B 212 -5.98 3.70 16.77
C LYS B 212 -5.77 4.06 18.23
N HIS B 213 -6.12 5.28 18.63
CA HIS B 213 -5.89 5.75 19.99
C HIS B 213 -7.19 5.91 20.78
N THR B 214 -8.32 5.49 20.20
CA THR B 214 -9.65 5.58 20.81
C THR B 214 -9.85 6.88 21.59
N ILE B 215 -9.61 7.99 20.90
CA ILE B 215 -9.71 9.32 21.49
C ILE B 215 -10.41 10.23 20.50
N SER B 216 -11.25 11.14 21.02
CA SER B 216 -11.82 12.16 20.15
C SER B 216 -10.72 13.09 19.66
N ILE B 217 -10.93 13.68 18.49
CA ILE B 217 -9.97 14.59 17.89
C ILE B 217 -10.66 15.42 16.81
N GLY B 218 -10.41 16.72 16.80
CA GLY B 218 -10.93 17.60 15.79
C GLY B 218 -9.92 17.86 14.66
N VAL B 219 -10.43 18.43 13.57
CA VAL B 219 -9.58 18.65 12.40
C VAL B 219 -8.47 19.65 12.70
N VAL B 220 -8.71 20.60 13.58
CA VAL B 220 -7.69 21.59 13.91
C VAL B 220 -6.53 20.94 14.66
N THR B 221 -6.84 20.01 15.57
CA THR B 221 -5.77 19.27 16.23
C THR B 221 -5.07 18.32 15.25
N ALA B 222 -5.85 17.68 14.37
CA ALA B 222 -5.23 16.84 13.34
C ALA B 222 -4.28 17.66 12.48
N GLU B 223 -4.68 18.87 12.10
CA GLU B 223 -3.79 19.76 11.35
C GLU B 223 -2.53 20.08 12.14
N GLN B 224 -2.69 20.34 13.44
CA GLN B 224 -1.52 20.71 14.25
C GLN B 224 -0.55 19.53 14.36
N ILE B 225 -1.05 18.33 14.54
CA ILE B 225 -0.22 17.13 14.57
C ILE B 225 0.60 17.03 13.29
N GLN B 228 3.29 19.72 13.23
CA GLN B 228 4.26 19.62 14.31
C GLN B 228 5.18 18.41 14.22
N ILE B 229 4.61 17.24 13.91
CA ILE B 229 5.38 16.00 13.86
C ILE B 229 5.20 15.24 12.55
N GLY B 230 4.39 15.74 11.61
CA GLY B 230 4.23 15.08 10.34
C GLY B 230 5.47 15.18 9.46
N SER B 231 5.69 14.14 8.67
CA SER B 231 6.89 14.04 7.85
C SER B 231 6.70 12.95 6.80
N LEU B 232 7.46 13.06 5.71
CA LEU B 232 7.46 12.04 4.66
C LEU B 232 8.78 11.31 4.59
N TYR B 233 9.74 11.69 5.41
CA TYR B 233 11.11 11.21 5.34
C TYR B 233 11.73 11.42 6.70
N GLY B 235 13.99 12.50 9.78
CA GLY B 235 14.57 13.78 10.13
C GLY B 235 15.79 13.63 11.00
N GLU B 237 15.86 13.99 14.17
CA GLU B 237 15.48 13.51 15.49
C GLU B 237 14.10 12.88 15.48
N THR B 238 13.80 12.03 16.46
CA THR B 238 12.45 11.54 16.62
C THR B 238 11.60 12.62 17.26
N MET B 241 4.23 13.87 20.35
CA MET B 241 3.45 14.88 21.04
C MET B 241 2.23 14.27 21.68
N VAL B 242 1.79 14.89 22.76
CA VAL B 242 0.63 14.45 23.50
C VAL B 242 -0.57 15.28 23.07
N ILE B 243 -1.70 14.62 22.86
CA ILE B 243 -2.95 15.31 22.58
C ILE B 243 -3.97 14.93 23.64
N PHE B 244 -5.00 15.74 23.74
CA PHE B 244 -6.02 15.63 24.76
C PHE B 244 -7.38 15.52 24.10
N GLY B 245 -8.26 14.77 24.74
CA GLY B 245 -9.57 14.52 24.16
C GLY B 245 -10.41 13.71 25.11
N ARG B 246 -11.42 13.09 24.55
CA ARG B 246 -12.37 12.28 25.30
CA ARG B 246 -12.36 12.28 25.30
C ARG B 246 -12.23 10.83 24.89
N ASP B 247 -12.17 9.93 25.88
CA ASP B 247 -12.13 8.50 25.60
C ASP B 247 -13.38 8.09 24.82
N VAL B 248 -13.20 7.55 23.61
CA VAL B 248 -14.39 7.29 22.79
C VAL B 248 -15.25 6.16 23.32
N VAL B 249 -14.76 5.37 24.28
CA VAL B 249 -15.56 4.31 24.89
C VAL B 249 -16.21 4.76 26.18
N THR B 250 -15.44 5.38 27.08
CA THR B 250 -15.95 5.76 28.40
C THR B 250 -16.45 7.19 28.48
N GLY B 251 -16.01 8.07 27.60
CA GLY B 251 -16.35 9.47 27.70
C GLY B 251 -15.51 10.24 28.68
N MET B 252 -14.67 9.56 29.44
CA MET B 252 -13.80 10.24 30.37
C MET B 252 -12.68 10.97 29.63
N PRO B 253 -12.14 12.04 30.23
CA PRO B 253 -10.95 12.70 29.69
C PRO B 253 -9.82 11.72 29.38
N GLU B 255 -5.68 11.44 27.47
CA GLU B 255 -4.57 11.96 26.68
C GLU B 255 -3.84 10.77 26.08
N THR B 256 -3.11 11.02 25.00
CA THR B 256 -2.41 9.97 24.32
C THR B 256 -1.23 10.58 23.58
N GLU B 257 -0.14 9.83 23.49
CA GLU B 257 1.05 10.28 22.78
C GLU B 257 0.99 9.79 21.34
N ILE B 258 1.22 10.70 20.39
CA ILE B 258 1.29 10.38 18.97
C ILE B 258 2.75 10.43 18.54
N LEU B 259 3.19 9.41 17.83
CA LEU B 259 4.59 9.29 17.41
C LEU B 259 4.74 9.74 15.97
N ASP B 260 5.86 10.40 15.67
CA ASP B 260 6.10 10.79 14.28
C ASP B 260 6.06 9.59 13.34
N SER B 261 6.52 8.42 13.81
CA SER B 261 6.54 7.23 12.96
C SER B 261 5.15 6.84 12.46
N GLU B 262 4.13 6.93 13.31
CA GLU B 262 2.80 6.51 12.83
C GLU B 262 2.21 7.53 11.86
N ILE B 263 2.52 8.81 12.03
CA ILE B 263 2.06 9.81 11.07
C ILE B 263 2.82 9.69 9.76
N ARG B 264 4.11 9.39 9.82
CA ARG B 264 4.90 9.28 8.60
C ARG B 264 4.39 8.13 7.72
N LYS B 265 4.04 7.00 8.35
CA LYS B 265 3.53 5.86 7.59
C LYS B 265 2.23 6.23 6.89
N LEU B 266 1.35 6.94 7.60
CA LEU B 266 0.08 7.38 7.01
C LEU B 266 0.31 8.37 5.88
N LEU B 267 1.16 9.37 6.10
CA LEU B 267 1.42 10.39 5.07
C LEU B 267 2.03 9.76 3.82
N ILE B 268 2.95 8.81 3.98
CA ILE B 268 3.52 8.16 2.81
C ILE B 268 2.45 7.43 2.02
N SER B 269 1.54 6.74 2.71
CA SER B 269 0.46 6.03 2.04
C SER B 269 -0.47 6.99 1.30
N ILE B 270 -0.85 8.08 1.95
CA ILE B 270 -1.72 9.06 1.29
C ILE B 270 -1.03 9.64 0.05
N PHE B 271 0.28 9.85 0.13
CA PHE B 271 0.97 10.56 -0.95
C PHE B 271 1.13 9.72 -2.21
N SER B 272 0.81 8.42 -2.16
CA SER B 272 0.77 7.61 -3.39
C SER B 272 -0.11 8.25 -4.46
N SER B 273 -1.22 8.88 -4.07
CA SER B 273 -2.08 9.52 -5.04
C SER B 273 -1.44 10.79 -5.61
N ILE B 274 -0.62 11.48 -4.82
CA ILE B 274 0.05 12.69 -5.28
C ILE B 274 1.23 12.34 -6.17
N THR B 275 1.96 11.26 -5.88
CA THR B 275 3.00 10.85 -6.82
C THR B 275 2.37 10.33 -8.12
N GLN B 276 1.23 9.64 -8.03
CA GLN B 276 0.56 9.19 -9.23
C GLN B 276 0.14 10.36 -10.11
N LEU B 277 -0.33 11.45 -9.48
CA LEU B 277 -0.67 12.66 -10.23
C LEU B 277 0.53 13.16 -11.03
N VAL B 278 1.70 13.24 -10.37
CA VAL B 278 2.91 13.72 -11.05
C VAL B 278 3.26 12.81 -12.22
N THR B 279 3.20 11.49 -12.02
CA THR B 279 3.45 10.57 -13.13
C THR B 279 2.42 10.74 -14.23
N ASP B 280 1.14 10.91 -13.87
CA ASP B 280 0.10 11.08 -14.88
C ASP B 280 0.34 12.34 -15.72
N ILE B 281 0.78 13.43 -15.09
CA ILE B 281 1.06 14.65 -15.87
C ILE B 281 2.21 14.39 -16.83
N LEU B 282 3.29 13.76 -16.34
CA LEU B 282 4.44 13.49 -17.19
C LEU B 282 4.05 12.66 -18.41
N GLU B 283 3.22 11.64 -18.21
CA GLU B 283 2.80 10.80 -19.33
C GLU B 283 2.00 11.59 -20.36
N SER B 284 1.30 12.63 -19.93
CA SER B 284 0.49 13.49 -20.80
C SER B 284 1.31 14.59 -21.48
N THR B 285 2.61 14.68 -21.20
CA THR B 285 3.40 15.83 -21.63
C THR B 285 4.08 15.52 -22.97
N PRO B 286 4.08 16.45 -23.92
CA PRO B 286 4.84 16.23 -25.16
C PRO B 286 6.30 15.90 -24.84
N ALA B 287 6.87 15.00 -25.64
CA ALA B 287 8.14 14.38 -25.31
C ALA B 287 9.24 15.41 -25.04
N GLU B 288 9.36 16.43 -25.90
CA GLU B 288 10.42 17.41 -25.69
C GLU B 288 10.25 18.14 -24.35
N LEU B 289 9.01 18.51 -24.01
CA LEU B 289 8.78 19.17 -22.73
C LEU B 289 8.96 18.21 -21.55
N ALA B 290 8.66 16.94 -21.74
CA ALA B 290 8.89 15.95 -20.68
C ALA B 290 10.37 15.83 -20.36
N GLY B 291 11.22 15.93 -21.38
CA GLY B 291 12.65 15.92 -21.14
C GLY B 291 13.12 17.12 -20.33
N ASP B 292 12.57 18.31 -20.61
CA ASP B 292 12.88 19.47 -19.79
C ASP B 292 12.46 19.23 -18.35
N ALA B 293 11.27 18.70 -18.18
CA ALA B 293 10.72 18.46 -16.84
C ALA B 293 11.59 17.49 -16.06
N VAL B 294 12.06 16.43 -16.71
CA VAL B 294 12.87 15.45 -16.01
C VAL B 294 14.25 16.01 -15.71
N MET B 295 14.84 16.73 -16.67
CA MET B 295 16.19 17.23 -16.47
C MET B 295 16.24 18.30 -15.39
N ASN B 296 15.32 19.26 -15.44
CA ASN B 296 15.29 20.34 -14.47
C ASN B 296 14.54 19.98 -13.20
N GLY B 297 13.63 19.04 -13.28
CA GLY B 297 12.98 18.52 -12.09
C GLY B 297 11.72 19.27 -11.71
N LEU B 298 11.28 18.98 -10.49
CA LEU B 298 9.98 19.39 -9.99
C LEU B 298 10.11 20.61 -9.08
N LEU B 299 9.21 21.57 -9.24
CA LEU B 299 9.08 22.74 -8.37
C LEU B 299 7.82 22.57 -7.56
N VAL B 300 7.90 22.73 -6.23
CA VAL B 300 6.77 22.40 -5.36
C VAL B 300 6.38 23.62 -4.53
N SER B 301 5.09 23.96 -4.55
CA SER B 301 4.54 25.08 -3.79
C SER B 301 3.25 24.64 -3.13
N GLY B 302 2.54 25.61 -2.58
CA GLY B 302 1.35 25.35 -1.78
C GLY B 302 1.70 25.14 -0.32
N GLY B 303 0.71 25.36 0.55
CA GLY B 303 0.93 25.23 1.97
C GLY B 303 1.53 23.90 2.39
N CYS B 304 1.15 22.81 1.73
CA CYS B 304 1.61 21.48 2.12
C CYS B 304 3.01 21.20 1.59
N ALA B 305 3.60 22.09 0.79
CA ALA B 305 4.99 21.90 0.38
C ALA B 305 5.93 22.00 1.58
N GLN B 306 5.45 22.50 2.71
CA GLN B 306 6.24 22.63 3.93
C GLN B 306 6.32 21.35 4.76
N ILE B 307 5.63 20.28 4.37
CA ILE B 307 5.70 19.02 5.13
C ILE B 307 7.15 18.56 5.18
N SER B 308 7.64 18.31 6.40
CA SER B 308 9.04 17.91 6.55
C SER B 308 9.33 16.64 5.76
N GLY B 309 10.49 16.60 5.13
CA GLY B 309 10.91 15.46 4.35
C GLY B 309 10.32 15.38 2.95
N LEU B 310 9.46 16.30 2.55
CA LEU B 310 8.81 16.22 1.24
C LEU B 310 9.81 16.21 0.08
N GLU B 312 13.06 15.23 0.01
CA GLU B 312 13.73 13.94 -0.01
C GLU B 312 12.81 12.80 -0.46
N PHE B 313 11.55 12.83 -0.01
CA PHE B 313 10.59 11.81 -0.43
C PHE B 313 10.40 11.82 -1.93
N LEU B 314 10.25 13.02 -2.51
CA LEU B 314 10.01 13.12 -3.95
C LEU B 314 11.26 12.82 -4.76
N GLU B 315 12.42 13.33 -4.31
CA GLU B 315 13.68 13.01 -4.98
C GLU B 315 13.91 11.51 -5.05
N SER B 316 13.67 10.81 -3.93
CA SER B 316 13.92 9.38 -3.89
CA SER B 316 13.92 9.38 -3.89
C SER B 316 12.94 8.61 -4.77
N TYR B 317 11.69 9.07 -4.84
CA TYR B 317 10.70 8.34 -5.64
C TYR B 317 10.92 8.58 -7.13
N PHE B 318 11.16 9.83 -7.53
CA PHE B 318 11.20 10.19 -8.95
C PHE B 318 12.62 10.24 -9.52
N GLN B 319 13.65 10.37 -8.68
CA GLN B 319 15.04 10.42 -9.13
C GLN B 319 15.28 11.60 -10.07
N ILE B 320 14.67 12.74 -9.75
CA ILE B 320 14.90 14.00 -10.44
C ILE B 320 15.12 15.07 -9.39
N PRO B 321 15.67 16.23 -9.78
CA PRO B 321 15.79 17.33 -8.82
C PRO B 321 14.43 17.78 -8.34
N VAL B 322 14.36 18.16 -7.07
CA VAL B 322 13.14 18.73 -6.52
C VAL B 322 13.49 20.00 -5.77
N ILE B 324 11.81 22.89 -3.32
CA ILE B 324 10.70 23.38 -2.52
C ILE B 324 10.70 24.90 -2.60
N ALA B 325 9.57 25.49 -3.02
CA ALA B 325 9.46 26.96 -3.05
C ALA B 325 9.77 27.57 -1.69
N ASN B 327 8.73 30.37 -0.87
CA ASN B 327 7.52 31.08 -0.58
C ASN B 327 6.27 30.23 -0.86
N PRO B 328 6.18 29.04 -0.27
CA PRO B 328 5.19 28.07 -0.78
C PRO B 328 3.74 28.55 -0.67
N GLN B 329 3.40 29.35 0.34
CA GLN B 329 2.02 29.79 0.49
C GLN B 329 1.72 31.11 -0.20
N THR B 330 2.74 31.89 -0.56
CA THR B 330 2.52 33.12 -1.29
C THR B 330 2.98 33.01 -2.74
N ALA B 331 3.29 31.80 -3.20
CA ALA B 331 3.78 31.63 -4.57
C ALA B 331 2.78 32.14 -5.59
N VAL B 332 1.49 31.87 -5.38
CA VAL B 332 0.49 32.27 -6.36
C VAL B 332 0.36 33.79 -6.40
N ILE B 333 0.30 34.44 -5.23
CA ILE B 333 0.21 35.89 -5.28
C ILE B 333 1.53 36.51 -5.73
N ASP B 334 2.66 35.85 -5.44
CA ASP B 334 3.92 36.37 -5.94
C ASP B 334 4.01 36.23 -7.47
N GLY B 335 3.40 35.19 -8.03
CA GLY B 335 3.31 35.11 -9.48
C GLY B 335 2.45 36.21 -10.07
N CYS B 336 1.32 36.49 -9.43
CA CYS B 336 0.46 37.57 -9.86
C CYS B 336 1.22 38.89 -9.87
N ILE B 337 2.01 39.13 -8.81
CA ILE B 337 2.82 40.35 -8.70
C ILE B 337 3.85 40.42 -9.81
N ALA B 338 4.60 39.31 -10.00
CA ALA B 338 5.57 39.27 -11.11
C ALA B 338 4.90 39.48 -12.45
N TYR B 339 3.62 39.11 -12.56
CA TYR B 339 2.88 39.16 -13.82
C TYR B 339 2.38 40.56 -14.16
N GLU B 340 2.47 41.52 -13.23
CA GLU B 340 1.87 42.85 -13.42
C GLU B 340 2.28 43.48 -14.74
N GLU B 342 3.33 42.11 -17.51
CA GLU B 342 2.73 41.41 -18.63
C GLU B 342 1.33 41.92 -18.95
N ILE B 343 0.51 42.12 -17.92
CA ILE B 343 -0.84 42.61 -18.13
C ILE B 343 -0.83 44.09 -18.46
N ARG B 344 0.05 44.87 -17.82
CA ARG B 344 0.15 46.29 -18.15
C ARG B 344 0.66 46.50 -19.56
N ASP B 345 1.69 45.75 -19.98
CA ASP B 345 2.18 45.85 -21.35
C ASP B 345 1.09 45.53 -22.36
N ARG B 346 0.30 44.48 -22.09
CA ARG B 346 -0.77 44.11 -23.01
C ARG B 346 -1.83 45.20 -23.08
N LEU B 347 -2.26 45.70 -21.92
CA LEU B 347 -3.24 46.78 -21.89
C LEU B 347 -2.73 48.04 -22.57
N ILE B 348 -1.41 48.20 -22.69
CA ILE B 348 -0.90 49.39 -23.37
C ILE B 348 -1.43 49.45 -24.80
N GLU B 349 -1.29 48.33 -25.53
CA GLU B 349 -1.80 48.22 -26.89
C GLU B 349 -3.23 48.76 -27.00
N GLU B 350 -4.13 48.23 -26.17
CA GLU B 350 -5.45 48.78 -25.90
C GLU B 350 -5.46 50.31 -25.92
#